data_6ZDV
#
_entry.id   6ZDV
#
_cell.length_a   39.414
_cell.length_b   179.833
_cell.length_c   140.085
_cell.angle_alpha   90
_cell.angle_beta   90
_cell.angle_gamma   90
#
_symmetry.space_group_name_H-M   'C 2 2 21'
#
loop_
_entity.id
_entity.type
_entity.pdbx_description
1 polymer 'Adenosine receptor A2a,Soluble cytochrome b562,Adenosine receptor A2a'
2 non-polymer '[2-methyl-3-(4-methyl-1,3-thiazol-2-yl)-4-oxidanylidene-6-propyl-chromen-7-yl] ethanoate'
3 non-polymer 'SODIUM ION'
4 non-polymer CHOLESTEROL
5 non-polymer '(2S)-2,3-dihydroxypropyl (9Z)-octadec-9-enoate'
6 non-polymer 'OLEIC ACID'
7 non-polymer '(2R)-2,3-dihydroxypropyl (9Z)-octadec-9-enoate'
8 water water
#
_entity_poly.entity_id   1
_entity_poly.type   'polypeptide(L)'
_entity_poly.pdbx_seq_one_letter_code
;DYKDDDDGAPPIMGSSVYITVELAIAVLAILGNVLVCWAVWLNSNLQNVTNYFVVSLAAADILVGVLAIPFAITISTGFC
AACHGCLFIACFVLVLAQSSIFSLLAIAIDRYIAIAIPLRYNGLVTGTRAAGIIAICWVLSFAIGLTPMLGWNNCGQPKE
GKAHSQGCGEGQVACLFEDVVPMNYMVYFNFFACVLVPLLLMLGVYLRIFAAARRQLADLEDNWETLNDNLKVIEKADNA
AQVKDALTKMRAAALDAQKATPPKLEDKSPDSPEMKDFRHGFDILVGQIDDALKLANEGKVKEAQAAAEQLKTTRNAYIQ
KYLERARSTLQKEVHAAKSAAIIAGLFALCWLPLHIINCFTFFCPDCSHAPLWLMYLAIVLAHTNSVVNPFIYAYRIREF
RQTFRKIIRSHVLRQQEPFKAAAHHHHHHHHHH
;
_entity_poly.pdbx_strand_id   A
#
loop_
_chem_comp.id
_chem_comp.type
_chem_comp.name
_chem_comp.formula
CLR non-polymer CHOLESTEROL 'C27 H46 O'
NA non-polymer 'SODIUM ION' 'Na 1'
OLA non-polymer 'OLEIC ACID' 'C18 H34 O2'
OLB non-polymer '(2S)-2,3-dihydroxypropyl (9Z)-octadec-9-enoate' 'C21 H40 O4'
OLC non-polymer '(2R)-2,3-dihydroxypropyl (9Z)-octadec-9-enoate' 'C21 H40 O4'
QGW non-polymer '[2-methyl-3-(4-methyl-1,3-thiazol-2-yl)-4-oxidanylidene-6-propyl-chromen-7-yl] ethanoate' 'C19 H19 N O4 S'
#
# COMPACT_ATOMS: atom_id res chain seq x y z
N ALA A 9 -14.65 30.91 27.59
CA ALA A 9 -15.52 29.75 27.50
C ALA A 9 -14.79 28.59 28.12
N PRO A 10 -15.42 27.92 29.09
CA PRO A 10 -14.79 26.81 29.82
C PRO A 10 -14.15 25.81 28.88
N PRO A 11 -12.92 25.46 29.22
CA PRO A 11 -12.13 24.54 28.42
C PRO A 11 -12.73 23.15 28.37
N ILE A 12 -13.49 22.72 29.36
CA ILE A 12 -14.17 21.45 29.37
C ILE A 12 -15.29 21.30 28.35
N MET A 13 -15.78 22.32 27.69
CA MET A 13 -16.79 22.13 26.66
C MET A 13 -16.20 21.94 25.29
N GLY A 14 -15.30 22.83 24.91
CA GLY A 14 -14.44 22.61 23.80
C GLY A 14 -13.70 21.31 23.88
N SER A 15 -13.11 20.99 25.04
CA SER A 15 -12.51 19.65 25.31
CA SER A 15 -12.49 19.68 25.22
C SER A 15 -13.32 18.29 25.24
N SER A 16 -14.56 18.52 25.64
CA SER A 16 -15.65 17.53 25.49
CA SER A 16 -15.57 17.46 25.52
C SER A 16 -16.15 16.95 24.10
N VAL A 17 -16.20 17.92 23.20
CA VAL A 17 -16.39 17.62 21.79
C VAL A 17 -15.20 16.86 21.17
N TYR A 18 -14.01 17.39 21.36
CA TYR A 18 -12.82 16.74 20.94
C TYR A 18 -12.71 15.31 21.47
N ILE A 19 -12.92 15.14 22.75
CA ILE A 19 -12.82 13.87 23.42
C ILE A 19 -13.87 12.87 22.95
N THR A 20 -15.11 13.29 22.80
CA THR A 20 -16.17 12.42 22.35
C THR A 20 -15.85 11.88 20.96
N VAL A 21 -15.40 12.77 20.10
CA VAL A 21 -15.00 12.44 18.76
C VAL A 21 -13.85 11.45 18.75
N GLU A 22 -12.85 11.68 19.60
CA GLU A 22 -11.72 10.78 19.70
C GLU A 22 -12.20 9.40 20.11
N LEU A 23 -13.12 9.35 21.05
CA LEU A 23 -13.64 8.08 21.49
C LEU A 23 -14.46 7.36 20.42
N ALA A 24 -15.22 8.08 19.62
CA ALA A 24 -15.96 7.50 18.54
C ALA A 24 -14.99 6.87 17.52
N ILE A 25 -13.91 7.58 17.23
CA ILE A 25 -12.87 7.14 16.32
C ILE A 25 -12.18 5.86 16.82
N ALA A 26 -11.78 5.85 18.09
CA ALA A 26 -11.18 4.70 18.70
C ALA A 26 -12.06 3.45 18.57
N VAL A 27 -13.34 3.58 18.89
CA VAL A 27 -14.31 2.50 18.79
C VAL A 27 -14.32 1.92 17.41
N LEU A 28 -14.49 2.78 16.43
CA LEU A 28 -14.51 2.37 15.06
C LEU A 28 -13.17 1.78 14.56
N ALA A 29 -12.05 2.31 15.02
CA ALA A 29 -10.75 1.84 14.60
C ALA A 29 -10.53 0.43 15.08
N ILE A 30 -10.90 0.18 16.31
CA ILE A 30 -10.79 -1.10 16.92
C ILE A 30 -11.67 -2.13 16.23
N LEU A 31 -12.94 -1.80 16.07
CA LEU A 31 -13.92 -2.68 15.48
C LEU A 31 -13.59 -3.12 14.08
N GLY A 32 -13.34 -2.17 13.20
CA GLY A 32 -13.06 -2.48 11.84
C GLY A 32 -11.80 -3.27 11.68
N ASN A 33 -10.78 -2.89 12.40
CA ASN A 33 -9.51 -3.56 12.31
C ASN A 33 -9.42 -4.91 12.97
N VAL A 34 -10.22 -5.16 13.99
CA VAL A 34 -10.33 -6.47 14.57
C VAL A 34 -10.97 -7.43 13.58
N LEU A 35 -11.88 -6.91 12.79
CA LEU A 35 -12.52 -7.67 11.76
C LEU A 35 -11.62 -7.98 10.58
N VAL A 36 -10.76 -7.07 10.18
CA VAL A 36 -9.73 -7.39 9.24
C VAL A 36 -8.92 -8.59 9.74
N CYS A 37 -8.42 -8.50 10.97
CA CYS A 37 -7.51 -9.46 11.55
C CYS A 37 -8.17 -10.77 11.73
N TRP A 38 -9.43 -10.75 12.12
CA TRP A 38 -10.27 -11.95 12.21
CA TRP A 38 -10.30 -11.92 12.16
C TRP A 38 -10.68 -12.79 10.88
N ALA A 39 -10.86 -11.98 9.86
CA ALA A 39 -10.95 -12.41 8.51
C ALA A 39 -9.71 -13.06 7.96
N VAL A 40 -8.55 -12.53 8.26
CA VAL A 40 -7.33 -13.12 7.77
C VAL A 40 -7.07 -14.41 8.52
N TRP A 41 -7.35 -14.45 9.80
CA TRP A 41 -7.24 -15.67 10.56
C TRP A 41 -8.09 -16.82 10.05
N LEU A 42 -9.31 -16.54 9.61
CA LEU A 42 -10.28 -17.55 9.32
C LEU A 42 -10.20 -17.99 7.87
N ASN A 43 -10.09 -17.07 6.94
CA ASN A 43 -10.02 -17.44 5.54
C ASN A 43 -8.61 -17.73 5.01
N SER A 44 -8.40 -18.95 4.56
CA SER A 44 -7.10 -19.35 4.02
C SER A 44 -6.78 -18.74 2.64
N ASN A 45 -7.78 -18.21 1.93
CA ASN A 45 -7.56 -17.52 0.65
C ASN A 45 -7.07 -16.08 0.88
N LEU A 46 -7.10 -15.65 2.14
CA LEU A 46 -6.65 -14.33 2.53
C LEU A 46 -5.34 -14.48 3.26
N GLN A 47 -4.81 -15.69 3.31
CA GLN A 47 -3.54 -15.95 3.96
C GLN A 47 -2.40 -15.99 2.96
N ASN A 48 -1.85 -14.84 2.71
CA ASN A 48 -0.76 -14.63 1.82
C ASN A 48 0.11 -13.52 2.37
N VAL A 49 1.27 -13.30 1.76
CA VAL A 49 2.23 -12.34 2.23
C VAL A 49 1.73 -10.90 2.26
N THR A 50 1.01 -10.52 1.23
CA THR A 50 0.45 -9.20 1.15
C THR A 50 -0.44 -8.92 2.35
N ASN A 51 -1.26 -9.88 2.69
CA ASN A 51 -2.16 -9.75 3.79
C ASN A 51 -1.52 -9.82 5.16
N TYR A 52 -0.28 -10.25 5.26
CA TYR A 52 0.40 -10.22 6.54
C TYR A 52 0.81 -8.78 6.85
N PHE A 53 1.11 -8.02 5.82
CA PHE A 53 1.45 -6.62 5.96
C PHE A 53 0.16 -5.88 6.25
N VAL A 54 -0.94 -6.32 5.65
CA VAL A 54 -2.25 -5.76 5.91
C VAL A 54 -2.60 -5.94 7.37
N VAL A 55 -2.33 -7.11 7.92
CA VAL A 55 -2.58 -7.41 9.32
C VAL A 55 -1.71 -6.56 10.24
N SER A 56 -0.47 -6.35 9.88
CA SER A 56 0.43 -5.51 10.65
C SER A 56 -0.10 -4.08 10.69
N LEU A 57 -0.58 -3.61 9.56
CA LEU A 57 -1.19 -2.33 9.41
C LEU A 57 -2.47 -2.24 10.25
N ALA A 58 -3.28 -3.29 10.25
CA ALA A 58 -4.47 -3.35 11.07
C ALA A 58 -4.13 -3.33 12.58
N ALA A 59 -3.02 -3.94 12.95
CA ALA A 59 -2.56 -3.99 14.32
C ALA A 59 -2.19 -2.59 14.80
N ALA A 60 -1.55 -1.84 13.94
CA ALA A 60 -1.17 -0.50 14.25
C ALA A 60 -2.40 0.36 14.48
N ASP A 61 -3.43 0.15 13.69
CA ASP A 61 -4.66 0.91 13.82
C ASP A 61 -5.43 0.54 15.10
N ILE A 62 -5.42 -0.73 15.45
CA ILE A 62 -6.02 -1.20 16.67
C ILE A 62 -5.35 -0.49 17.84
N LEU A 63 -4.03 -0.37 17.81
CA LEU A 63 -3.26 0.29 18.84
C LEU A 63 -3.46 1.81 18.89
N VAL A 64 -3.88 2.41 17.80
CA VAL A 64 -4.19 3.81 17.78
C VAL A 64 -5.47 4.00 18.62
N GLY A 65 -6.41 3.10 18.51
CA GLY A 65 -7.62 3.20 19.27
C GLY A 65 -7.46 2.87 20.73
N VAL A 66 -6.75 1.81 21.01
CA VAL A 66 -6.53 1.34 22.35
C VAL A 66 -5.55 2.19 23.16
N LEU A 67 -4.50 2.68 22.52
CA LEU A 67 -3.46 3.43 23.17
C LEU A 67 -3.22 4.89 22.72
N ALA A 68 -2.94 5.12 21.45
CA ALA A 68 -2.69 6.45 20.94
C ALA A 68 -3.81 7.46 21.22
N ILE A 69 -5.05 7.07 21.06
CA ILE A 69 -6.17 7.95 21.32
C ILE A 69 -6.33 8.29 22.81
N PRO A 70 -6.32 7.29 23.69
CA PRO A 70 -6.32 7.61 25.11
C PRO A 70 -5.11 8.49 25.49
N PHE A 71 -3.94 8.29 24.91
CA PHE A 71 -2.79 9.12 25.19
C PHE A 71 -3.04 10.56 24.72
N ALA A 72 -3.63 10.74 23.56
CA ALA A 72 -3.88 12.06 23.06
C ALA A 72 -4.92 12.83 23.87
N ILE A 73 -5.90 12.13 24.35
CA ILE A 73 -6.92 12.72 25.21
C ILE A 73 -6.22 13.20 26.48
N THR A 74 -5.32 12.37 26.98
CA THR A 74 -4.58 12.61 28.18
C THR A 74 -3.71 13.83 28.06
N ILE A 75 -2.89 13.87 27.04
CA ILE A 75 -2.09 15.05 26.80
CA ILE A 75 -2.10 15.05 26.74
C ILE A 75 -2.73 16.46 26.45
N SER A 76 -4.01 16.32 26.07
CA SER A 76 -4.83 17.49 25.81
C SER A 76 -5.21 18.25 27.07
N THR A 77 -5.09 17.58 28.20
CA THR A 77 -5.42 18.17 29.45
C THR A 77 -4.28 19.00 29.99
N GLY A 78 -3.06 18.75 29.51
CA GLY A 78 -1.88 19.42 29.97
C GLY A 78 -1.48 19.08 31.39
N PHE A 79 -1.87 17.89 31.83
CA PHE A 79 -1.63 17.38 33.16
C PHE A 79 -0.16 17.32 33.51
N CYS A 80 0.15 17.54 34.76
CA CYS A 80 1.51 17.50 35.21
C CYS A 80 2.09 16.12 35.11
N ALA A 81 3.29 16.03 34.59
CA ALA A 81 3.96 14.77 34.46
C ALA A 81 5.43 14.92 34.35
N ALA A 82 6.16 13.88 34.72
CA ALA A 82 7.58 13.84 34.54
C ALA A 82 7.81 13.93 33.06
N CYS A 83 8.69 14.79 32.63
CA CYS A 83 8.93 15.01 31.22
C CYS A 83 9.13 13.78 30.33
N HIS A 84 9.90 12.80 30.76
CA HIS A 84 10.11 11.61 29.96
C HIS A 84 8.91 10.69 29.83
N GLY A 85 8.02 10.75 30.80
CA GLY A 85 6.81 9.99 30.78
C GLY A 85 5.86 10.70 29.84
N CYS A 86 5.89 12.02 29.88
CA CYS A 86 5.10 12.86 29.03
C CYS A 86 5.52 12.62 27.60
N LEU A 87 6.82 12.52 27.42
CA LEU A 87 7.39 12.21 26.09
CA LEU A 87 7.39 12.22 26.09
C LEU A 87 6.88 10.91 25.32
N PHE A 88 6.85 9.91 26.19
CA PHE A 88 6.39 8.61 25.77
C PHE A 88 4.97 8.65 25.27
N ILE A 89 4.09 9.29 26.02
CA ILE A 89 2.71 9.40 25.62
C ILE A 89 2.49 10.33 24.42
N ALA A 90 3.39 11.28 24.21
CA ALA A 90 3.36 12.15 23.09
C ALA A 90 3.85 11.43 21.82
N CYS A 91 4.85 10.59 21.96
CA CYS A 91 5.48 9.94 20.83
C CYS A 91 5.03 8.56 20.43
N PHE A 92 4.26 7.87 21.25
CA PHE A 92 3.85 6.53 20.90
C PHE A 92 3.12 6.46 19.56
N VAL A 93 2.31 7.46 19.27
CA VAL A 93 1.60 7.54 18.00
C VAL A 93 2.55 7.58 16.79
N LEU A 94 3.74 8.15 16.97
CA LEU A 94 4.75 8.21 15.93
C LEU A 94 5.23 6.83 15.56
N VAL A 95 5.35 5.95 16.53
CA VAL A 95 5.71 4.57 16.34
C VAL A 95 4.66 3.91 15.48
N LEU A 96 3.41 4.14 15.81
CA LEU A 96 2.31 3.57 15.07
C LEU A 96 2.24 4.10 13.64
N ALA A 97 2.46 5.38 13.45
CA ALA A 97 2.46 5.94 12.14
C ALA A 97 3.62 5.43 11.30
N GLN A 98 4.77 5.21 11.93
CA GLN A 98 5.96 4.72 11.26
C GLN A 98 5.80 3.30 10.83
N SER A 99 5.19 2.50 11.69
CA SER A 99 4.94 1.13 11.40
C SER A 99 4.04 1.02 10.19
N SER A 100 3.07 1.90 10.14
CA SER A 100 2.14 1.96 9.03
C SER A 100 2.81 2.27 7.70
N ILE A 101 3.76 3.17 7.71
CA ILE A 101 4.53 3.58 6.55
C ILE A 101 5.30 2.41 6.02
N PHE A 102 5.95 1.67 6.91
CA PHE A 102 6.70 0.49 6.55
C PHE A 102 5.76 -0.57 5.93
N SER A 103 4.63 -0.81 6.56
CA SER A 103 3.65 -1.74 6.05
C SER A 103 3.17 -1.33 4.64
N LEU A 104 2.84 -0.07 4.45
CA LEU A 104 2.40 0.42 3.17
C LEU A 104 3.47 0.30 2.11
N LEU A 105 4.71 0.58 2.46
CA LEU A 105 5.79 0.47 1.52
C LEU A 105 5.99 -0.99 1.10
N ALA A 106 5.87 -1.90 2.03
CA ALA A 106 6.03 -3.31 1.79
C ALA A 106 4.96 -3.84 0.87
N ILE A 107 3.74 -3.39 1.05
CA ILE A 107 2.64 -3.80 0.22
C ILE A 107 2.91 -3.35 -1.21
N ALA A 108 3.37 -2.13 -1.40
CA ALA A 108 3.70 -1.62 -2.72
C ALA A 108 4.77 -2.44 -3.39
N ILE A 109 5.83 -2.76 -2.67
CA ILE A 109 6.94 -3.55 -3.19
C ILE A 109 6.52 -4.98 -3.54
N ASP A 110 5.77 -5.59 -2.67
CA ASP A 110 5.23 -6.90 -2.85
C ASP A 110 4.41 -6.95 -4.14
N ARG A 111 3.52 -6.01 -4.35
CA ARG A 111 2.72 -5.95 -5.57
C ARG A 111 3.60 -5.72 -6.82
N TYR A 112 4.69 -4.98 -6.68
CA TYR A 112 5.57 -4.75 -7.78
C TYR A 112 6.31 -6.03 -8.15
N ILE A 113 6.71 -6.80 -7.17
CA ILE A 113 7.40 -8.04 -7.42
C ILE A 113 6.49 -9.01 -8.14
N ALA A 114 5.24 -9.07 -7.72
CA ALA A 114 4.25 -9.93 -8.30
C ALA A 114 3.96 -9.65 -9.76
N ILE A 115 4.01 -8.40 -10.17
CA ILE A 115 3.75 -8.09 -11.54
C ILE A 115 4.99 -8.07 -12.42
N ALA A 116 6.15 -7.74 -11.87
CA ALA A 116 7.34 -7.67 -12.66
C ALA A 116 7.99 -9.02 -12.86
N ILE A 117 8.01 -9.83 -11.83
CA ILE A 117 8.61 -11.13 -11.95
C ILE A 117 7.77 -12.19 -11.32
N PRO A 118 6.60 -12.49 -11.90
CA PRO A 118 5.67 -13.50 -11.37
C PRO A 118 6.25 -14.92 -11.27
N LEU A 119 7.19 -15.26 -12.14
CA LEU A 119 7.91 -16.50 -12.16
C LEU A 119 8.65 -16.72 -10.85
N ARG A 120 9.42 -15.73 -10.42
CA ARG A 120 10.19 -15.84 -9.21
C ARG A 120 9.50 -15.39 -7.91
N TYR A 121 8.28 -14.87 -8.00
CA TYR A 121 7.59 -14.36 -6.82
C TYR A 121 7.38 -15.30 -5.65
N ASN A 122 6.81 -16.47 -5.88
CA ASN A 122 6.53 -17.40 -4.80
C ASN A 122 7.74 -17.88 -3.99
N GLY A 123 8.89 -17.97 -4.63
CA GLY A 123 10.07 -18.41 -3.94
C GLY A 123 10.85 -17.28 -3.33
N LEU A 124 10.56 -16.07 -3.74
CA LEU A 124 11.26 -14.93 -3.20
C LEU A 124 10.51 -14.32 -2.02
N VAL A 125 9.20 -14.25 -2.14
CA VAL A 125 8.39 -13.66 -1.11
C VAL A 125 7.63 -14.74 -0.39
N THR A 126 8.16 -15.17 0.74
CA THR A 126 7.52 -16.20 1.52
C THR A 126 6.99 -15.62 2.79
N GLY A 127 6.17 -16.40 3.46
CA GLY A 127 5.58 -15.99 4.71
C GLY A 127 6.58 -15.86 5.83
N THR A 128 7.64 -16.65 5.78
CA THR A 128 8.69 -16.64 6.78
C THR A 128 9.54 -15.38 6.66
N ARG A 129 9.87 -14.99 5.44
CA ARG A 129 10.64 -13.80 5.18
C ARG A 129 9.80 -12.57 5.51
N ALA A 130 8.51 -12.63 5.22
CA ALA A 130 7.58 -11.57 5.49
C ALA A 130 7.43 -11.30 6.97
N ALA A 131 7.29 -12.32 7.79
CA ALA A 131 7.17 -12.12 9.23
C ALA A 131 8.43 -11.54 9.88
N GLY A 132 9.58 -11.81 9.28
CA GLY A 132 10.84 -11.32 9.76
C GLY A 132 10.95 -9.87 9.43
N ILE A 133 10.50 -9.52 8.24
CA ILE A 133 10.49 -8.15 7.82
C ILE A 133 9.57 -7.32 8.70
N ILE A 134 8.39 -7.84 9.04
CA ILE A 134 7.43 -7.16 9.87
C ILE A 134 7.98 -6.85 11.27
N ALA A 135 8.66 -7.81 11.84
CA ALA A 135 9.28 -7.69 13.14
C ALA A 135 10.35 -6.60 13.18
N ILE A 136 11.19 -6.59 12.16
CA ILE A 136 12.26 -5.65 11.98
C ILE A 136 11.70 -4.25 11.85
N CYS A 137 10.65 -4.13 11.07
CA CYS A 137 9.97 -2.89 10.84
C CYS A 137 9.35 -2.33 12.12
N TRP A 138 8.83 -3.18 12.99
CA TRP A 138 8.27 -2.73 14.23
C TRP A 138 9.36 -2.20 15.15
N VAL A 139 10.50 -2.88 15.19
CA VAL A 139 11.63 -2.45 15.98
C VAL A 139 12.11 -1.07 15.47
N LEU A 140 12.23 -0.93 14.16
CA LEU A 140 12.64 0.31 13.55
C LEU A 140 11.66 1.44 13.85
N SER A 141 10.37 1.11 13.88
CA SER A 141 9.29 2.04 14.18
C SER A 141 9.41 2.59 15.59
N PHE A 142 9.80 1.73 16.52
CA PHE A 142 10.01 2.13 17.90
C PHE A 142 11.22 3.08 17.98
N ALA A 143 12.30 2.73 17.30
CA ALA A 143 13.49 3.53 17.22
C ALA A 143 13.24 4.93 16.63
N ILE A 144 12.51 5.00 15.53
CA ILE A 144 12.21 6.26 14.88
C ILE A 144 11.23 7.11 15.70
N GLY A 145 10.10 6.53 16.07
CA GLY A 145 9.09 7.22 16.83
C GLY A 145 9.48 7.65 18.22
N LEU A 146 10.33 6.87 18.86
CA LEU A 146 10.78 7.18 20.18
C LEU A 146 12.16 7.78 20.26
N THR A 147 12.65 8.28 19.14
CA THR A 147 13.92 8.99 19.02
C THR A 147 14.02 10.17 19.99
N PRO A 148 12.95 10.92 20.21
CA PRO A 148 13.00 12.00 21.18
C PRO A 148 13.39 11.52 22.58
N MET A 149 13.02 10.30 22.94
CA MET A 149 13.34 9.67 24.23
C MET A 149 14.81 9.34 24.41
N LEU A 150 15.56 9.29 23.31
CA LEU A 150 16.99 9.09 23.33
C LEU A 150 17.79 10.42 23.53
N GLY A 151 17.06 11.50 23.76
CA GLY A 151 17.68 12.78 24.00
C GLY A 151 17.26 13.97 23.17
N TRP A 152 16.64 13.73 22.03
CA TRP A 152 16.20 14.83 21.19
C TRP A 152 14.84 15.33 21.65
N ASN A 153 14.84 16.08 22.73
CA ASN A 153 13.66 16.62 23.36
C ASN A 153 13.91 17.94 24.05
N ASN A 154 12.86 18.54 24.58
CA ASN A 154 12.94 19.79 25.28
C ASN A 154 12.83 19.62 26.78
N CYS A 155 13.08 18.42 27.27
CA CYS A 155 13.00 18.14 28.69
C CYS A 155 14.07 18.88 29.45
N GLY A 156 15.14 19.24 28.77
CA GLY A 156 16.22 20.01 29.35
C GLY A 156 15.89 21.47 29.54
N GLN A 157 14.86 21.97 28.90
CA GLN A 157 14.44 23.36 29.01
C GLN A 157 12.95 23.46 29.31
N PRO A 158 12.54 23.04 30.50
CA PRO A 158 11.13 23.07 30.86
C PRO A 158 10.56 24.44 31.05
N LYS A 159 9.27 24.56 30.79
CA LYS A 159 8.57 25.79 30.99
C LYS A 159 8.17 25.77 32.46
N GLU A 160 8.99 26.36 33.32
CA GLU A 160 8.72 26.37 34.75
C GLU A 160 7.60 27.31 35.13
N GLY A 161 7.39 28.35 34.36
CA GLY A 161 6.31 29.26 34.63
C GLY A 161 4.97 28.61 34.39
N LYS A 162 4.92 27.75 33.38
CA LYS A 162 3.71 27.04 33.05
C LYS A 162 3.50 25.89 34.03
N ALA A 163 4.58 25.29 34.49
CA ALA A 163 4.49 24.21 35.43
C ALA A 163 4.14 24.70 36.83
N HIS A 164 4.61 25.88 37.20
CA HIS A 164 4.30 26.43 38.51
C HIS A 164 2.90 26.93 38.56
N SER A 165 2.39 27.37 37.43
CA SER A 165 1.05 27.83 37.40
C SER A 165 0.05 26.69 37.60
N GLN A 166 0.36 25.49 37.16
CA GLN A 166 -0.54 24.39 37.38
C GLN A 166 -0.16 23.57 38.58
N GLY A 167 0.66 24.10 39.45
CA GLY A 167 1.02 23.36 40.63
C GLY A 167 1.71 22.04 40.42
N CYS A 168 2.52 21.94 39.39
CA CYS A 168 3.27 20.72 39.14
C CYS A 168 4.39 20.57 40.11
N GLY A 169 4.84 19.37 40.32
CA GLY A 169 5.92 19.13 41.22
C GLY A 169 7.29 19.26 40.62
N GLU A 170 8.30 18.89 41.39
CA GLU A 170 9.67 18.97 40.97
C GLU A 170 9.93 17.94 39.95
N GLY A 171 10.52 18.35 38.85
CA GLY A 171 10.82 17.45 37.76
C GLY A 171 9.69 17.24 36.79
N GLN A 172 8.56 17.89 37.03
CA GLN A 172 7.39 17.76 36.19
C GLN A 172 7.14 18.97 35.33
N VAL A 173 6.47 18.71 34.25
CA VAL A 173 6.07 19.73 33.33
C VAL A 173 4.60 19.56 33.03
N ALA A 174 3.97 20.61 32.54
CA ALA A 174 2.64 20.55 32.06
C ALA A 174 2.82 19.73 30.79
N CYS A 175 2.18 18.58 30.68
CA CYS A 175 2.39 17.71 29.53
C CYS A 175 1.62 18.11 28.28
N LEU A 176 2.35 18.71 27.36
CA LEU A 176 1.85 19.21 26.09
C LEU A 176 2.80 18.86 24.97
N PHE A 177 2.29 18.40 23.84
CA PHE A 177 3.06 17.87 22.74
C PHE A 177 4.17 18.78 22.29
N GLU A 178 3.85 20.01 21.97
CA GLU A 178 4.82 20.96 21.50
C GLU A 178 5.79 21.51 22.55
N ASP A 179 5.52 21.30 23.82
CA ASP A 179 6.43 21.73 24.86
C ASP A 179 7.57 20.71 25.05
N VAL A 180 7.30 19.45 24.78
CA VAL A 180 8.26 18.37 24.92
C VAL A 180 8.90 17.82 23.65
N VAL A 181 8.17 17.73 22.56
CA VAL A 181 8.70 17.23 21.32
C VAL A 181 9.20 18.39 20.48
N PRO A 182 10.50 18.41 20.14
CA PRO A 182 11.09 19.47 19.34
C PRO A 182 10.51 19.53 17.93
N MET A 183 10.17 20.70 17.47
CA MET A 183 9.60 20.86 16.15
C MET A 183 10.56 20.53 15.02
N ASN A 184 11.85 20.69 15.23
CA ASN A 184 12.85 20.33 14.23
C ASN A 184 12.85 18.82 13.99
N TYR A 185 12.62 18.03 15.04
CA TYR A 185 12.49 16.60 14.93
C TYR A 185 11.24 16.28 14.15
N MET A 186 10.16 16.95 14.46
CA MET A 186 8.86 16.74 13.84
C MET A 186 8.88 17.04 12.35
N VAL A 187 9.50 18.13 11.96
CA VAL A 187 9.57 18.58 10.58
C VAL A 187 10.66 17.89 9.72
N TYR A 188 11.91 17.97 10.12
CA TYR A 188 13.00 17.39 9.36
C TYR A 188 13.16 15.89 9.45
N PHE A 189 13.15 15.36 10.66
CA PHE A 189 13.34 13.95 10.89
C PHE A 189 12.09 13.14 10.67
N ASN A 190 11.04 13.43 11.39
CA ASN A 190 9.81 12.71 11.22
C ASN A 190 9.04 12.93 9.89
N PHE A 191 8.73 14.15 9.53
CA PHE A 191 8.01 14.42 8.31
C PHE A 191 8.83 14.22 7.03
N PHE A 192 9.87 15.00 6.82
CA PHE A 192 10.67 14.93 5.61
C PHE A 192 11.30 13.57 5.33
N ALA A 193 12.12 13.10 6.25
CA ALA A 193 12.82 11.84 6.12
C ALA A 193 12.01 10.55 6.29
N CYS A 194 11.23 10.46 7.34
CA CYS A 194 10.50 9.27 7.67
C CYS A 194 9.08 9.12 7.14
N VAL A 195 8.48 10.20 6.69
CA VAL A 195 7.14 10.15 6.13
C VAL A 195 7.12 10.49 4.63
N LEU A 196 7.51 11.70 4.29
CA LEU A 196 7.54 12.20 2.94
C LEU A 196 8.38 11.37 2.01
N VAL A 197 9.61 11.08 2.37
CA VAL A 197 10.45 10.28 1.53
C VAL A 197 9.86 8.89 1.26
N PRO A 198 9.44 8.14 2.30
CA PRO A 198 8.81 6.87 2.00
C PRO A 198 7.53 7.01 1.19
N LEU A 199 6.75 8.05 1.35
CA LEU A 199 5.57 8.21 0.53
C LEU A 199 5.90 8.46 -0.94
N LEU A 200 6.94 9.23 -1.22
CA LEU A 200 7.37 9.49 -2.57
C LEU A 200 7.89 8.19 -3.20
N LEU A 201 8.56 7.37 -2.41
CA LEU A 201 9.04 6.10 -2.86
C LEU A 201 7.87 5.22 -3.25
N MET A 202 6.81 5.21 -2.47
CA MET A 202 5.61 4.45 -2.75
C MET A 202 4.99 4.90 -4.05
N LEU A 203 4.93 6.20 -4.26
CA LEU A 203 4.41 6.79 -5.48
C LEU A 203 5.15 6.23 -6.67
N GLY A 204 6.45 6.19 -6.56
CA GLY A 204 7.30 5.66 -7.58
C GLY A 204 7.12 4.19 -7.87
N VAL A 205 6.90 3.40 -6.85
CA VAL A 205 6.70 1.99 -6.99
C VAL A 205 5.36 1.76 -7.70
N TYR A 206 4.34 2.49 -7.32
CA TYR A 206 3.05 2.37 -7.97
C TYR A 206 3.09 2.79 -9.46
N LEU A 207 3.84 3.81 -9.79
CA LEU A 207 3.98 4.21 -11.17
C LEU A 207 4.62 3.09 -11.98
N ARG A 208 5.63 2.46 -11.44
CA ARG A 208 6.29 1.36 -12.08
C ARG A 208 5.38 0.16 -12.20
N ILE A 209 4.50 -0.04 -11.24
CA ILE A 209 3.57 -1.14 -11.28
C ILE A 209 2.57 -0.94 -12.40
N PHE A 210 2.00 0.25 -12.48
CA PHE A 210 1.03 0.55 -13.51
C PHE A 210 1.61 0.59 -14.91
N ALA A 211 2.85 0.99 -15.05
CA ALA A 211 3.51 1.05 -16.33
C ALA A 211 3.88 -0.34 -16.81
N ALA A 212 4.29 -1.20 -15.90
CA ALA A 212 4.65 -2.56 -16.21
C ALA A 212 3.42 -3.34 -16.60
N ALA A 213 2.27 -2.94 -16.08
CA ALA A 213 1.04 -3.59 -16.36
C ALA A 213 0.64 -3.18 -17.75
N ARG A 214 0.75 -1.90 -18.04
CA ARG A 214 0.41 -1.36 -19.34
C ARG A 214 1.27 -2.00 -20.43
N ARG A 215 2.55 -2.14 -20.16
CA ARG A 215 3.50 -2.73 -21.08
C ARG A 215 3.19 -4.16 -21.36
N GLN A 216 2.70 -4.89 -20.38
CA GLN A 216 2.41 -6.27 -20.58
C GLN A 216 1.09 -6.52 -21.27
N LEU A 217 0.09 -5.71 -20.99
CA LEU A 217 -1.23 -5.87 -21.55
C LEU A 217 -1.30 -5.41 -22.97
N ALA A 218 -0.33 -4.51 -23.73
CA ALA A 218 0.24 -3.99 -24.97
C ALA A 218 1.00 -5.11 -25.61
N ASP A 219 2.00 -5.64 -24.93
CA ASP A 219 2.63 -6.84 -25.40
C ASP A 219 1.75 -8.04 -25.68
N LEU A 220 0.72 -8.29 -24.89
CA LEU A 220 -0.11 -9.43 -25.17
C LEU A 220 -0.83 -9.13 -26.45
N GLU A 221 -1.34 -7.93 -26.56
CA GLU A 221 -2.09 -7.52 -27.71
C GLU A 221 -1.24 -7.52 -28.98
N ASP A 222 0.00 -7.09 -28.88
CA ASP A 222 0.86 -7.05 -30.02
C ASP A 222 1.02 -8.44 -30.57
N ASN A 223 1.49 -9.36 -29.76
CA ASN A 223 1.72 -10.74 -30.18
C ASN A 223 0.53 -11.40 -30.89
N TRP A 224 -0.68 -11.06 -30.47
CA TRP A 224 -1.87 -11.58 -31.02
C TRP A 224 -2.09 -10.96 -32.37
N GLU A 225 -1.82 -9.68 -32.49
CA GLU A 225 -2.00 -9.03 -33.78
C GLU A 225 -1.02 -9.62 -34.76
N THR A 226 0.21 -9.81 -34.33
CA THR A 226 1.24 -10.40 -35.15
C THR A 226 0.81 -11.76 -35.74
N LEU A 227 0.22 -12.60 -34.92
CA LEU A 227 -0.26 -13.87 -35.32
C LEU A 227 -1.33 -13.69 -36.40
N ASN A 228 -2.24 -12.74 -36.21
CA ASN A 228 -3.31 -12.53 -37.16
C ASN A 228 -2.95 -11.81 -38.44
N ASP A 229 -1.94 -10.97 -38.41
CA ASP A 229 -1.54 -10.25 -39.58
C ASP A 229 -0.63 -11.08 -40.40
N ASN A 230 0.09 -11.97 -39.77
CA ASN A 230 0.97 -12.86 -40.50
C ASN A 230 0.19 -14.01 -41.16
N LEU A 231 -1.01 -14.27 -40.70
CA LEU A 231 -1.84 -15.25 -41.29
C LEU A 231 -2.31 -14.67 -42.62
N LYS A 232 -2.84 -13.46 -42.60
CA LYS A 232 -3.34 -12.83 -43.81
C LYS A 232 -2.24 -12.73 -44.85
N VAL A 233 -1.06 -12.29 -44.43
CA VAL A 233 0.07 -12.17 -45.30
C VAL A 233 0.39 -13.49 -46.01
N ILE A 234 0.16 -14.58 -45.31
CA ILE A 234 0.46 -15.90 -45.82
C ILE A 234 -0.62 -16.32 -46.77
N GLU A 235 -1.84 -15.93 -46.44
CA GLU A 235 -3.00 -16.23 -47.24
C GLU A 235 -2.91 -15.71 -48.65
N LYS A 236 -2.33 -14.53 -48.83
CA LYS A 236 -2.21 -13.93 -50.14
C LYS A 236 -0.72 -13.72 -50.15
N ALA A 237 -0.02 -14.64 -50.77
CA ALA A 237 1.40 -14.55 -50.93
C ALA A 237 1.70 -15.06 -52.33
N ASP A 238 2.80 -14.58 -52.89
CA ASP A 238 3.17 -14.96 -54.25
C ASP A 238 3.86 -16.30 -54.25
N ASN A 239 4.93 -16.44 -53.50
CA ASN A 239 5.66 -17.69 -53.50
C ASN A 239 5.83 -18.30 -52.13
N ALA A 240 6.69 -19.30 -52.09
CA ALA A 240 7.01 -20.05 -50.93
C ALA A 240 7.88 -19.26 -49.98
N ALA A 241 8.69 -18.36 -50.50
CA ALA A 241 9.58 -17.58 -49.65
C ALA A 241 8.89 -16.52 -48.84
N GLN A 242 7.73 -16.09 -49.28
CA GLN A 242 6.99 -15.09 -48.56
C GLN A 242 6.34 -15.77 -47.40
N VAL A 243 5.83 -16.94 -47.68
CA VAL A 243 5.18 -17.75 -46.70
C VAL A 243 6.20 -18.09 -45.64
N LYS A 244 7.41 -18.49 -46.03
CA LYS A 244 8.45 -18.77 -45.09
C LYS A 244 8.82 -17.59 -44.22
N ASP A 245 8.79 -16.39 -44.77
CA ASP A 245 9.09 -15.20 -44.01
C ASP A 245 8.07 -15.02 -42.93
N ALA A 246 6.79 -15.02 -43.29
CA ALA A 246 5.73 -14.81 -42.33
C ALA A 246 5.52 -15.90 -41.28
N LEU A 247 6.05 -17.09 -41.46
CA LEU A 247 5.91 -18.15 -40.49
C LEU A 247 7.13 -18.20 -39.60
N THR A 248 8.23 -17.66 -40.08
CA THR A 248 9.43 -17.63 -39.29
C THR A 248 9.20 -16.62 -38.18
N LYS A 249 8.52 -15.55 -38.53
CA LYS A 249 8.18 -14.49 -37.61
C LYS A 249 7.14 -15.00 -36.68
N MET A 250 6.17 -15.74 -37.21
CA MET A 250 5.08 -16.27 -36.41
C MET A 250 5.59 -17.22 -35.37
N ARG A 251 6.57 -18.00 -35.73
CA ARG A 251 7.13 -18.95 -34.82
C ARG A 251 7.72 -18.25 -33.62
N ALA A 252 8.57 -17.28 -33.85
CA ALA A 252 9.20 -16.51 -32.78
C ALA A 252 8.21 -15.85 -31.85
N ALA A 253 7.11 -15.34 -32.37
CA ALA A 253 6.07 -14.71 -31.59
C ALA A 253 5.17 -15.67 -30.81
N ALA A 254 5.26 -16.97 -31.11
CA ALA A 254 4.49 -17.96 -30.42
C ALA A 254 5.34 -18.50 -29.29
N LEU A 255 6.64 -18.47 -29.45
CA LEU A 255 7.54 -18.92 -28.42
C LEU A 255 7.71 -17.89 -27.31
N ASP A 256 7.41 -16.64 -27.61
CA ASP A 256 7.50 -15.59 -26.63
C ASP A 256 6.23 -15.59 -25.82
N ALA A 257 5.14 -15.98 -26.44
CA ALA A 257 3.89 -16.02 -25.70
C ALA A 257 3.91 -17.18 -24.70
N GLN A 258 4.57 -18.25 -25.07
CA GLN A 258 4.72 -19.45 -24.27
C GLN A 258 5.62 -19.23 -23.07
N LYS A 259 6.53 -18.28 -23.17
CA LYS A 259 7.43 -18.00 -22.07
C LYS A 259 6.69 -17.05 -21.16
N ALA A 260 6.13 -16.01 -21.77
CA ALA A 260 5.39 -15.01 -21.04
C ALA A 260 4.23 -15.63 -20.29
N GLY A 281 -1.99 -26.33 -26.41
CA GLY A 281 -2.30 -25.37 -27.45
C GLY A 281 -1.06 -24.83 -28.08
N PHE A 282 -0.02 -24.54 -27.31
CA PHE A 282 1.19 -23.98 -27.90
C PHE A 282 2.06 -25.01 -28.56
N ASP A 283 1.90 -26.27 -28.14
CA ASP A 283 2.61 -27.41 -28.67
C ASP A 283 2.07 -27.62 -30.05
N ILE A 284 0.77 -27.54 -30.16
CA ILE A 284 0.10 -27.69 -31.41
C ILE A 284 0.50 -26.55 -32.34
N LEU A 285 0.40 -25.32 -31.88
CA LEU A 285 0.71 -24.15 -32.68
C LEU A 285 2.09 -24.11 -33.30
N VAL A 286 3.12 -24.26 -32.51
CA VAL A 286 4.46 -24.24 -33.00
C VAL A 286 4.65 -25.39 -33.97
N GLY A 287 4.13 -26.54 -33.60
CA GLY A 287 4.18 -27.70 -34.44
C GLY A 287 3.58 -27.43 -35.79
N GLN A 288 2.44 -26.78 -35.84
CA GLN A 288 1.79 -26.50 -37.09
C GLN A 288 2.48 -25.45 -37.95
N ILE A 289 3.22 -24.57 -37.34
CA ILE A 289 3.97 -23.55 -38.01
C ILE A 289 5.16 -24.24 -38.65
N ASP A 290 5.68 -25.21 -37.94
CA ASP A 290 6.78 -26.02 -38.39
C ASP A 290 6.41 -26.87 -39.61
N ASP A 291 5.20 -27.42 -39.61
CA ASP A 291 4.72 -28.23 -40.70
C ASP A 291 4.65 -27.36 -41.92
N ALA A 292 4.13 -26.15 -41.76
CA ALA A 292 3.99 -25.23 -42.84
C ALA A 292 5.33 -24.75 -43.36
N LEU A 293 6.30 -24.59 -42.49
CA LEU A 293 7.62 -24.13 -42.89
C LEU A 293 8.36 -25.17 -43.68
N LYS A 294 8.21 -26.43 -43.31
CA LYS A 294 8.87 -27.46 -44.05
C LYS A 294 8.32 -27.47 -45.45
N LEU A 295 7.01 -27.32 -45.58
CA LEU A 295 6.43 -27.32 -46.89
C LEU A 295 6.91 -26.12 -47.63
N ALA A 296 6.89 -24.98 -46.97
CA ALA A 296 7.34 -23.75 -47.58
C ALA A 296 8.80 -23.82 -48.05
N ASN A 297 9.66 -24.54 -47.35
CA ASN A 297 11.05 -24.70 -47.74
C ASN A 297 11.25 -25.74 -48.86
N GLU A 298 10.21 -26.48 -49.16
CA GLU A 298 10.25 -27.43 -50.25
C GLU A 298 9.63 -26.80 -51.50
N GLY A 299 9.28 -25.53 -51.42
CA GLY A 299 8.69 -24.83 -52.53
C GLY A 299 7.23 -25.09 -52.79
N LYS A 300 6.56 -25.86 -51.94
CA LYS A 300 5.17 -26.11 -52.17
C LYS A 300 4.32 -25.02 -51.55
N VAL A 301 3.96 -24.00 -52.31
CA VAL A 301 3.20 -22.88 -51.80
C VAL A 301 1.77 -23.14 -51.40
N LYS A 302 1.00 -23.78 -52.26
CA LYS A 302 -0.38 -24.06 -51.95
C LYS A 302 -0.57 -24.96 -50.72
N GLU A 303 0.34 -25.89 -50.54
CA GLU A 303 0.26 -26.80 -49.43
C GLU A 303 0.67 -26.12 -48.14
N ALA A 304 1.63 -25.22 -48.22
CA ALA A 304 2.07 -24.47 -47.05
C ALA A 304 0.94 -23.56 -46.62
N GLN A 305 0.24 -22.98 -47.57
CA GLN A 305 -0.85 -22.09 -47.25
C GLN A 305 -2.02 -22.78 -46.62
N ALA A 306 -2.28 -24.01 -47.03
CA ALA A 306 -3.38 -24.75 -46.48
C ALA A 306 -3.05 -25.28 -45.11
N ALA A 307 -1.79 -25.50 -44.85
CA ALA A 307 -1.36 -26.00 -43.58
C ALA A 307 -1.35 -24.91 -42.54
N ALA A 308 -1.12 -23.69 -43.01
CA ALA A 308 -1.10 -22.50 -42.20
C ALA A 308 -2.50 -22.10 -41.89
N GLU A 309 -3.46 -22.56 -42.68
CA GLU A 309 -4.85 -22.23 -42.45
C GLU A 309 -5.38 -23.01 -41.24
N GLN A 310 -4.77 -24.14 -40.96
CA GLN A 310 -5.17 -24.95 -39.83
C GLN A 310 -4.81 -24.29 -38.52
N LEU A 311 -3.96 -23.29 -38.60
CA LEU A 311 -3.52 -22.54 -37.46
C LEU A 311 -4.71 -21.83 -36.88
N LYS A 312 -5.68 -21.47 -37.70
CA LYS A 312 -6.88 -20.80 -37.19
C LYS A 312 -7.65 -21.64 -36.19
N THR A 313 -7.66 -22.93 -36.37
CA THR A 313 -8.38 -23.78 -35.46
C THR A 313 -7.73 -23.78 -34.11
N THR A 314 -6.41 -23.75 -34.09
CA THR A 314 -5.70 -23.74 -32.84
C THR A 314 -5.87 -22.42 -32.15
N ARG A 315 -5.92 -21.35 -32.90
CA ARG A 315 -6.06 -20.02 -32.35
C ARG A 315 -7.38 -19.86 -31.61
N ASN A 316 -8.43 -20.38 -32.18
CA ASN A 316 -9.72 -20.27 -31.56
C ASN A 316 -9.85 -21.10 -30.31
N ALA A 317 -9.45 -22.35 -30.41
CA ALA A 317 -9.60 -23.28 -29.33
C ALA A 317 -8.63 -23.23 -28.18
N TYR A 318 -7.47 -22.61 -28.35
CA TYR A 318 -6.52 -22.54 -27.26
C TYR A 318 -5.92 -21.16 -27.03
N ILE A 319 -5.23 -20.65 -28.03
CA ILE A 319 -4.54 -19.38 -27.95
C ILE A 319 -5.35 -18.17 -27.53
N GLN A 320 -6.60 -18.09 -27.94
CA GLN A 320 -7.46 -16.98 -27.59
C GLN A 320 -7.92 -17.12 -26.16
N LYS A 321 -8.00 -18.34 -25.67
CA LYS A 321 -8.37 -18.58 -24.32
C LYS A 321 -7.24 -18.16 -23.43
N TYR A 322 -5.97 -18.37 -23.92
CA TYR A 322 -4.81 -17.96 -23.13
C TYR A 322 -4.68 -16.43 -23.10
N LEU A 323 -4.83 -15.79 -24.26
CA LEU A 323 -4.78 -14.34 -24.33
C LEU A 323 -5.78 -13.70 -23.37
N GLU A 324 -7.03 -14.19 -23.40
CA GLU A 324 -8.06 -13.60 -22.54
C GLU A 324 -7.82 -13.88 -21.06
N ARG A 325 -7.61 -15.35 -20.52
CA ARG A 325 -6.94 -15.45 -19.25
C ARG A 325 -5.79 -14.58 -18.84
N ALA A 326 -4.75 -14.45 -19.63
CA ALA A 326 -3.64 -13.63 -19.20
C ALA A 326 -4.04 -12.20 -18.99
N ARG A 327 -4.94 -11.71 -19.82
CA ARG A 327 -5.39 -10.36 -19.75
C ARG A 327 -6.18 -10.14 -18.49
N SER A 328 -7.00 -11.12 -18.15
CA SER A 328 -7.84 -11.07 -16.99
C SER A 328 -7.01 -11.03 -15.73
N THR A 329 -5.93 -11.78 -15.71
CA THR A 329 -5.08 -11.80 -14.55
C THR A 329 -4.38 -10.47 -14.34
N LEU A 330 -4.00 -9.82 -15.42
CA LEU A 330 -3.33 -8.55 -15.34
C LEU A 330 -4.28 -7.46 -14.94
N GLN A 331 -5.55 -7.64 -15.23
CA GLN A 331 -6.53 -6.64 -14.89
C GLN A 331 -6.84 -6.81 -13.41
N LYS A 332 -6.76 -8.03 -12.92
CA LYS A 332 -7.00 -8.31 -11.53
C LYS A 332 -5.89 -7.70 -10.69
N GLU A 333 -4.68 -7.72 -11.23
CA GLU A 333 -3.50 -7.19 -10.57
C GLU A 333 -3.48 -5.68 -10.54
N VAL A 334 -3.99 -5.06 -11.59
CA VAL A 334 -4.06 -3.62 -11.66
C VAL A 334 -5.10 -3.11 -10.67
N HIS A 335 -6.20 -3.82 -10.55
CA HIS A 335 -7.26 -3.48 -9.65
C HIS A 335 -6.79 -3.61 -8.21
N ALA A 336 -6.09 -4.69 -7.92
CA ALA A 336 -5.60 -4.92 -6.58
C ALA A 336 -4.52 -3.90 -6.20
N ALA A 337 -3.81 -3.39 -7.20
CA ALA A 337 -2.78 -2.42 -6.99
C ALA A 337 -3.37 -1.06 -6.78
N LYS A 338 -4.51 -0.80 -7.41
CA LYS A 338 -5.22 0.44 -7.22
C LYS A 338 -5.80 0.47 -5.84
N SER A 339 -6.28 -0.64 -5.35
CA SER A 339 -6.86 -0.70 -4.04
C SER A 339 -5.81 -0.42 -2.98
N ALA A 340 -4.60 -0.94 -3.16
CA ALA A 340 -3.52 -0.71 -2.25
C ALA A 340 -3.02 0.73 -2.32
N ALA A 341 -3.03 1.31 -3.51
CA ALA A 341 -2.59 2.68 -3.70
C ALA A 341 -3.57 3.65 -3.05
N ILE A 342 -4.84 3.34 -3.09
CA ILE A 342 -5.85 4.16 -2.49
C ILE A 342 -5.60 4.24 -0.98
N ILE A 343 -5.25 3.12 -0.37
CA ILE A 343 -4.94 3.02 1.04
C ILE A 343 -3.74 3.91 1.43
N ALA A 344 -2.70 3.86 0.63
CA ALA A 344 -1.52 4.68 0.84
C ALA A 344 -1.83 6.16 0.64
N GLY A 345 -2.70 6.45 -0.31
CA GLY A 345 -3.15 7.77 -0.63
C GLY A 345 -3.98 8.36 0.47
N LEU A 346 -4.82 7.56 1.08
CA LEU A 346 -5.64 7.98 2.18
C LEU A 346 -4.80 8.26 3.44
N PHE A 347 -3.70 7.55 3.61
CA PHE A 347 -2.81 7.79 4.71
C PHE A 347 -2.19 9.19 4.54
N ALA A 348 -1.79 9.52 3.32
CA ALA A 348 -1.21 10.80 3.03
C ALA A 348 -2.24 11.92 3.22
N LEU A 349 -3.43 11.72 2.74
CA LEU A 349 -4.47 12.71 2.89
C LEU A 349 -4.81 13.01 4.35
N CYS A 350 -4.89 11.97 5.17
CA CYS A 350 -5.23 12.10 6.56
C CYS A 350 -4.11 12.66 7.45
N TRP A 351 -2.87 12.40 7.13
CA TRP A 351 -1.75 12.85 7.91
C TRP A 351 -1.11 14.16 7.48
N LEU A 352 -1.18 14.49 6.19
CA LEU A 352 -0.59 15.70 5.66
C LEU A 352 -0.97 17.03 6.31
N PRO A 353 -2.24 17.25 6.59
CA PRO A 353 -2.59 18.52 7.22
C PRO A 353 -1.88 18.76 8.55
N LEU A 354 -1.72 17.75 9.37
CA LEU A 354 -1.03 17.87 10.63
C LEU A 354 0.44 18.18 10.45
N HIS A 355 1.08 17.44 9.58
CA HIS A 355 2.40 17.76 9.15
C HIS A 355 2.58 19.16 8.56
N ILE A 356 1.63 19.61 7.78
CA ILE A 356 1.69 20.93 7.17
C ILE A 356 1.58 22.03 8.22
N ILE A 357 0.74 21.81 9.21
CA ILE A 357 0.57 22.74 10.30
C ILE A 357 1.86 22.83 11.09
N ASN A 358 2.50 21.72 11.37
CA ASN A 358 3.80 21.72 11.98
C ASN A 358 4.85 22.50 11.21
N CYS A 359 4.79 22.44 9.91
CA CYS A 359 5.71 23.19 9.08
C CYS A 359 5.51 24.70 9.24
N PHE A 360 4.27 25.15 9.29
CA PHE A 360 3.94 26.55 9.52
C PHE A 360 4.46 27.04 10.88
N THR A 361 4.23 26.25 11.91
CA THR A 361 4.68 26.52 13.27
C THR A 361 6.20 26.63 13.35
N PHE A 362 6.88 25.76 12.65
CA PHE A 362 8.32 25.72 12.62
C PHE A 362 8.99 26.74 11.70
N PHE A 363 8.59 26.77 10.45
CA PHE A 363 9.20 27.59 9.46
C PHE A 363 8.73 29.04 9.53
N CYS A 364 7.54 29.29 10.02
CA CYS A 364 7.01 30.65 10.15
C CYS A 364 6.71 31.10 11.55
N PRO A 365 7.71 31.55 12.28
CA PRO A 365 7.49 32.05 13.63
C PRO A 365 6.82 33.41 13.73
N ASP A 366 6.67 34.13 12.62
CA ASP A 366 5.97 35.41 12.56
C ASP A 366 4.49 35.21 12.26
N CYS A 367 4.15 33.99 11.92
CA CYS A 367 2.79 33.60 11.65
C CYS A 367 2.15 33.16 12.93
N SER A 368 0.92 33.55 13.16
CA SER A 368 0.22 33.12 14.34
C SER A 368 0.05 31.60 14.32
N HIS A 369 0.19 30.99 15.47
CA HIS A 369 0.04 29.57 15.58
C HIS A 369 -1.37 29.19 15.25
N ALA A 370 -1.51 28.09 14.54
CA ALA A 370 -2.78 27.53 14.22
C ALA A 370 -3.62 27.37 15.49
N PRO A 371 -4.87 27.78 15.42
CA PRO A 371 -5.72 27.70 16.60
C PRO A 371 -5.95 26.28 17.13
N LEU A 372 -6.24 26.21 18.39
CA LEU A 372 -6.48 24.97 19.07
C LEU A 372 -7.56 24.12 18.42
N TRP A 373 -8.61 24.75 17.92
CA TRP A 373 -9.66 24.02 17.26
C TRP A 373 -9.17 23.33 15.98
N LEU A 374 -8.24 23.96 15.29
CA LEU A 374 -7.68 23.42 14.08
C LEU A 374 -6.71 22.29 14.39
N MET A 375 -5.97 22.43 15.48
CA MET A 375 -5.07 21.40 15.93
C MET A 375 -5.89 20.15 16.21
N TYR A 376 -6.99 20.31 16.93
CA TYR A 376 -7.89 19.24 17.27
C TYR A 376 -8.43 18.54 16.03
N LEU A 377 -8.80 19.33 15.03
CA LEU A 377 -9.34 18.84 13.80
C LEU A 377 -8.31 18.08 13.00
N ALA A 378 -7.10 18.59 12.95
CA ALA A 378 -6.03 17.92 12.25
C ALA A 378 -5.65 16.62 12.93
N ILE A 379 -5.65 16.60 14.25
CA ILE A 379 -5.33 15.43 15.04
C ILE A 379 -6.37 14.33 14.82
N VAL A 380 -7.64 14.71 14.90
CA VAL A 380 -8.75 13.84 14.74
C VAL A 380 -8.75 13.23 13.33
N LEU A 381 -8.42 14.04 12.34
CA LEU A 381 -8.33 13.58 10.98
C LEU A 381 -7.21 12.54 10.80
N ALA A 382 -6.10 12.75 11.47
CA ALA A 382 -5.01 11.82 11.45
C ALA A 382 -5.48 10.51 12.05
N HIS A 383 -6.14 10.56 13.19
CA HIS A 383 -6.65 9.38 13.85
C HIS A 383 -7.68 8.64 13.03
N THR A 384 -8.47 9.39 12.27
CA THR A 384 -9.52 8.89 11.38
C THR A 384 -8.96 7.98 10.34
N ASN A 385 -7.69 8.12 10.02
CA ASN A 385 -7.04 7.20 9.10
C ASN A 385 -7.11 5.73 9.58
N SER A 386 -7.05 5.49 10.88
CA SER A 386 -7.21 4.19 11.47
C SER A 386 -8.60 3.52 11.34
N VAL A 387 -9.57 4.25 10.84
CA VAL A 387 -10.91 3.72 10.61
C VAL A 387 -11.13 3.32 9.15
N VAL A 388 -10.44 4.00 8.24
CA VAL A 388 -10.67 3.80 6.83
C VAL A 388 -10.27 2.54 6.14
N ASN A 389 -9.17 1.91 6.48
CA ASN A 389 -8.79 0.68 5.77
C ASN A 389 -9.84 -0.45 5.64
N PRO A 390 -10.51 -0.84 6.71
CA PRO A 390 -11.53 -1.89 6.60
C PRO A 390 -12.64 -1.60 5.59
N PHE A 391 -13.02 -0.35 5.40
CA PHE A 391 -14.02 0.03 4.44
C PHE A 391 -13.48 -0.12 3.04
N ILE A 392 -12.23 0.24 2.82
CA ILE A 392 -11.65 0.10 1.51
C ILE A 392 -11.53 -1.35 1.08
N TYR A 393 -11.27 -2.23 2.01
CA TYR A 393 -11.16 -3.64 1.70
C TYR A 393 -12.52 -4.20 1.39
N ALA A 394 -13.54 -3.77 2.11
CA ALA A 394 -14.89 -4.24 1.91
C ALA A 394 -15.47 -3.82 0.58
N TYR A 395 -15.21 -2.59 0.20
CA TYR A 395 -15.71 -2.07 -1.05
C TYR A 395 -14.93 -2.53 -2.26
N ARG A 396 -13.65 -2.86 -2.08
CA ARG A 396 -12.77 -3.10 -3.19
C ARG A 396 -12.26 -4.52 -3.35
N ILE A 397 -12.43 -5.34 -2.34
CA ILE A 397 -11.90 -6.69 -2.38
C ILE A 397 -12.95 -7.69 -1.98
N ARG A 398 -13.42 -8.47 -2.96
CA ARG A 398 -14.44 -9.50 -2.79
C ARG A 398 -14.24 -10.51 -1.66
N GLU A 399 -13.07 -11.12 -1.62
CA GLU A 399 -12.82 -12.08 -0.59
C GLU A 399 -12.93 -11.54 0.81
N PHE A 400 -12.58 -10.29 1.04
CA PHE A 400 -12.67 -9.69 2.36
C PHE A 400 -14.13 -9.46 2.67
N ARG A 401 -14.82 -8.83 1.75
CA ARG A 401 -16.22 -8.52 1.84
C ARG A 401 -17.07 -9.74 2.20
N GLN A 402 -16.86 -10.84 1.49
CA GLN A 402 -17.60 -12.09 1.71
C GLN A 402 -17.31 -12.67 3.07
N THR A 403 -16.09 -12.55 3.53
CA THR A 403 -15.72 -13.04 4.83
C THR A 403 -16.22 -12.14 5.94
N PHE A 404 -16.29 -10.85 5.67
CA PHE A 404 -16.79 -9.94 6.67
C PHE A 404 -18.28 -10.30 6.91
N ARG A 405 -19.00 -10.64 5.85
CA ARG A 405 -20.42 -10.98 5.96
C ARG A 405 -20.69 -12.20 6.80
N LYS A 406 -19.89 -13.22 6.61
CA LYS A 406 -19.97 -14.47 7.34
C LYS A 406 -19.61 -14.28 8.78
N ILE A 407 -18.65 -13.42 9.06
CA ILE A 407 -18.28 -13.21 10.43
C ILE A 407 -19.41 -12.48 11.12
N ILE A 408 -19.96 -11.51 10.44
CA ILE A 408 -21.03 -10.70 10.99
C ILE A 408 -22.30 -11.56 11.15
N ARG A 409 -22.63 -12.37 10.16
CA ARG A 409 -23.81 -13.23 10.23
C ARG A 409 -23.75 -14.21 11.39
N SER A 410 -22.78 -15.10 11.34
CA SER A 410 -22.58 -16.07 12.40
C SER A 410 -22.49 -15.45 13.77
C1 QGW B . -0.27 17.79 19.17
C10 QGW B . 2.78 14.99 12.98
C11 QGW B . -1.33 15.86 20.16
C12 QGW B . -1.90 16.71 21.08
C13 QGW B . -1.69 18.07 21.10
C14 QGW B . -0.85 18.65 20.12
C15 QGW B . -1.72 19.27 23.13
C16 QGW B . -2.49 20.52 23.59
C17 QGW B . -2.80 16.16 22.13
C18 QGW B . -4.16 15.91 21.60
C19 QGW B . -4.96 17.18 21.48
C2 QGW B . -0.52 16.42 19.21
C3 QGW B . 0.07 15.52 18.24
C4 QGW B . 0.94 16.22 17.30
C5 QGW B . 1.05 17.54 17.39
C6 QGW B . 1.84 18.44 16.55
C7 QGW B . 1.48 15.36 16.25
C8 QGW B . 2.21 14.76 14.33
C9 QGW B . 2.00 13.50 14.81
N1 QGW B . 1.90 15.77 15.12
O1 QGW B . 0.52 18.35 18.26
O2 QGW B . -0.15 14.33 18.28
O3 QGW B . -2.34 18.74 22.07
O4 QGW B . -0.71 18.83 23.65
S1 QGW B . 1.37 13.64 16.32
NA NA C . -2.34 3.37 10.06
C1 CLR D . -1.21 28.29 9.76
C2 CLR D . -1.09 29.47 10.72
C3 CLR D . -1.08 30.81 10.00
C4 CLR D . -2.37 30.99 9.19
C5 CLR D . -2.58 29.79 8.29
C6 CLR D . -2.92 30.03 7.00
C7 CLR D . -3.19 28.91 6.01
C8 CLR D . -3.42 27.55 6.68
C9 CLR D . -2.36 27.30 7.79
C10 CLR D . -2.47 28.39 8.88
C11 CLR D . -2.38 25.88 8.41
C12 CLR D . -2.48 24.80 7.31
C13 CLR D . -3.61 25.04 6.29
C14 CLR D . -3.38 26.41 5.62
C15 CLR D . -4.32 26.44 4.44
C16 CLR D . -4.29 24.99 3.95
C17 CLR D . -3.60 24.14 5.03
C18 CLR D . -4.99 24.96 6.99
C19 CLR D . -3.74 28.22 9.72
C20 CLR D . -4.17 22.71 5.10
C21 CLR D . -3.55 21.88 6.22
C22 CLR D . -3.85 21.98 3.80
C23 CLR D . -4.57 20.64 3.65
C24 CLR D . -4.13 20.02 2.32
C25 CLR D . -4.59 18.58 2.18
C26 CLR D . -5.20 18.36 0.80
C27 CLR D . -3.40 17.63 2.40
O1 CLR D . -0.98 31.85 10.97
C1 CLR E . 8.73 32.29 3.00
C2 CLR E . 9.18 33.61 3.62
C3 CLR E . 10.60 33.52 4.15
C4 CLR E . 11.59 33.18 3.03
C5 CLR E . 11.12 31.95 2.30
C6 CLR E . 12.04 31.01 2.02
C7 CLR E . 11.73 29.68 1.37
C8 CLR E . 10.36 29.64 0.67
C9 CLR E . 9.27 30.38 1.50
C10 CLR E . 9.66 31.84 1.85
C11 CLR E . 7.85 30.29 0.87
C12 CLR E . 7.52 28.81 0.59
C13 CLR E . 8.57 28.10 -0.29
C14 CLR E . 9.94 28.18 0.43
C15 CLR E . 10.86 27.25 -0.34
C16 CLR E . 9.91 26.10 -0.69
C17 CLR E . 8.46 26.57 -0.41
C18 CLR E . 8.62 28.74 -1.69
C19 CLR E . 9.50 32.80 0.66
C20 CLR E . 7.44 25.93 -1.38
C21 CLR E . 5.98 26.37 -1.17
C22 CLR E . 7.49 24.41 -1.25
C23 CLR E . 6.76 23.68 -2.36
C24 CLR E . 7.10 22.19 -2.29
C25 CLR E . 6.30 21.40 -3.33
C26 CLR E . 6.87 20.00 -3.50
C27 CLR E . 4.81 21.36 -2.99
O1 CLR E . 10.94 34.81 4.69
C1 CLR F . 7.32 27.94 4.69
C2 CLR F . 7.46 29.24 5.46
C3 CLR F . 6.58 30.36 4.91
C4 CLR F . 5.11 29.91 4.90
C5 CLR F . 4.97 28.57 4.18
C6 CLR F . 4.05 28.45 3.20
C7 CLR F . 3.82 27.16 2.42
C8 CLR F . 4.42 25.93 3.12
C9 CLR F . 5.86 26.23 3.65
C10 CLR F . 5.88 27.42 4.64
C11 CLR F . 6.61 25.00 4.25
C12 CLR F . 6.45 23.76 3.35
C13 CLR F . 4.98 23.46 2.93
C14 CLR F . 4.41 24.70 2.20
C15 CLR F . 3.10 24.24 1.58
C16 CLR F . 3.43 22.80 1.18
C17 CLR F . 4.79 22.42 1.81
C18 CLR F . 4.18 23.09 4.19
C19 CLR F . 5.40 27.02 6.05
C20 CLR F . 4.94 20.90 2.16
C21 CLR F . 6.33 20.51 2.65
C22 CLR F . 4.52 20.03 0.97
C23 CLR F . 4.66 18.51 1.17
C24 CLR F . 3.54 17.75 0.48
C25 CLR F . 3.84 17.08 -0.86
C26 CLR F . 2.70 17.31 -1.84
C27 CLR F . 5.19 17.37 -1.52
O1 CLR F . 6.73 31.46 5.80
C1 OLB G . 11.39 28.24 4.74
C2 OLB G . 11.81 26.84 4.45
C3 OLB G . 10.75 26.04 3.75
C4 OLB G . 11.24 24.67 3.32
C5 OLB G . 10.23 23.90 2.51
O19 OLB G . 10.42 28.78 4.27
O20 OLB G . 12.17 28.84 5.62
C21 OLB G . 11.55 29.91 6.39
C22 OLB G . 12.61 30.91 6.80
O23 OLB G . 13.34 31.30 5.64
C24 OLB G . 12.04 32.12 7.49
O25 OLB G . 13.04 33.13 7.68
C6 OLB G . 10.72 22.56 1.99
C7 OLB G . 9.67 21.78 1.20
C8 OLB G . 10.18 20.51 0.61
C1 OLA H . -3.92 -12.94 11.80
O1 OLA H . -4.69 -12.31 11.06
O2 OLA H . -3.06 -13.75 11.36
C2 OLA H . -4.05 -12.74 13.30
C3 OLA H . -3.09 -11.66 13.77
C4 OLA H . -3.66 -10.85 14.92
C5 OLA H . -2.56 -10.09 15.65
C6 OLA H . -2.81 -8.59 15.67
C7 OLA H . -3.25 -8.09 17.04
C8 OLA H . -2.49 -6.82 17.41
C9 OLA H . -3.33 -5.89 18.26
C1 OLA I . 0.86 38.07 3.37
O1 OLA I . 0.99 39.32 3.47
O2 OLA I . 1.32 37.27 4.21
C2 OLA I . 0.06 37.54 2.20
C3 OLA I . 0.39 36.07 1.88
C4 OLA I . -0.34 35.63 0.62
C5 OLA I . -0.49 34.12 0.54
C6 OLA I . -1.48 33.71 -0.55
C7 OLA I . -0.90 32.59 -1.39
C8 OLA I . -1.88 31.44 -1.57
C9 OLA I . -2.89 31.76 -2.63
C10 OLA I . -3.43 30.77 -3.34
C12 OLA J . 8.66 -5.07 19.07
C13 OLA J . 7.41 -5.60 18.37
C14 OLA J . 7.69 -6.93 17.69
C15 OLA J . 6.58 -7.29 16.70
C16 OLA J . 6.67 -8.74 16.25
C17 OLA J . 5.64 -9.06 15.16
C18 OLA J . 5.76 -10.49 14.69
C1 OLA K . -5.79 31.65 11.87
O1 OLA K . -6.56 32.64 11.99
O2 OLA K . -4.58 31.69 12.20
C2 OLA K . -6.34 30.34 11.35
C3 OLA K . -7.44 30.58 10.32
C4 OLA K . -8.20 29.29 10.02
C5 OLA K . -7.90 28.78 8.62
C6 OLA K . -8.58 27.43 8.39
C7 OLA K . -8.48 26.99 6.94
C8 OLA K . -8.75 25.50 6.78
C9 OLA K . -10.12 25.15 7.34
C10 OLA K . -10.54 23.89 7.37
C11 OLA K . -11.91 23.58 7.93
C12 OLA K . -12.56 22.44 7.14
C13 OLA K . -14.08 22.51 7.25
C13 OLA L . -16.02 9.71 12.81
C14 OLA L . -15.31 8.67 11.95
C15 OLA L . -15.49 8.92 10.46
C16 OLA L . -14.97 7.71 9.69
C17 OLA L . -14.94 7.90 8.17
C18 OLA L . -14.68 6.57 7.49
C1 OLA M . -16.77 13.70 27.81
O1 OLA M . -16.52 14.26 26.72
O2 OLA M . -16.16 13.98 28.87
C2 OLA M . -17.85 12.63 27.85
C3 OLA M . -17.51 11.51 26.88
C4 OLA M . -18.52 10.37 26.97
C5 OLA M . -18.57 9.57 25.68
C13 OLA N . -7.29 -12.94 15.90
C14 OLA N . -8.06 -11.65 16.19
C15 OLA N . -7.13 -10.56 16.73
C16 OLA N . -7.91 -9.46 17.42
C17 OLA N . -6.98 -8.55 18.22
C12 OLA O . 10.64 -1.96 4.16
C13 OLA O . 9.64 -2.63 3.22
C14 OLA O . 10.33 -3.56 2.22
C15 OLA O . 9.89 -5.01 2.44
C16 OLA O . 9.91 -5.83 1.15
C17 OLA O . 8.51 -6.23 0.73
C18 OLA O . 8.33 -7.72 0.67
C1 OLA P . 4.86 35.30 5.61
O1 OLA P . 3.68 35.51 5.96
O2 OLA P . 5.79 36.05 5.96
C2 OLA P . 5.15 34.08 4.76
C3 OLA P . 4.03 33.88 3.74
C4 OLA P . 4.50 32.90 2.65
C5 OLA P . 3.45 32.73 1.57
C6 OLA P . 3.42 31.29 1.07
C7 OLA P . 4.11 31.12 -0.27
C8 OLA P . 3.70 29.80 -0.91
C9 OLA P . 2.23 29.81 -1.27
C10 OLA P . 1.60 28.81 -1.88
C11 OLA P . 2.27 27.52 -2.26
C12 OLA P . 1.23 26.45 -2.56
C13 OLA P . 1.84 25.06 -2.52
C1 OLA Q . -13.45 21.74 18.96
O1 OLA Q . -14.31 22.25 18.21
O2 OLA Q . -12.98 22.33 19.95
C2 OLA Q . -12.98 20.33 18.68
C3 OLA Q . -13.19 19.90 17.23
C4 OLA Q . -12.79 18.44 17.07
C5 OLA Q . -13.32 17.81 15.79
C6 OLA Q . -14.84 17.61 15.87
C7 OLA Q . -15.51 17.87 14.53
C8 OLA Q . -15.02 16.92 13.43
C9 OLA Q . -15.72 15.58 13.54
C1 OLA R . 2.03 36.87 8.54
O1 OLA R . 1.75 37.59 9.53
O2 OLA R . 3.21 36.57 8.24
C2 OLA R . 0.91 36.31 7.68
C3 OLA R . 0.64 34.86 8.04
C4 OLA R . -0.23 34.12 7.02
C5 OLA R . 0.57 33.37 5.96
C6 OLA R . -0.32 32.29 5.33
C7 OLA R . 0.33 31.53 4.18
C8 OLA R . -0.53 30.36 3.74
C9 OLA R . -0.32 30.07 2.25
C10 OLA R . -0.49 28.88 1.68
C11 OLA R . -0.88 27.62 2.43
C12 OLA R . -1.37 26.54 1.48
C13 OLA R . -0.76 25.18 1.84
C14 OLA R . -1.36 24.08 0.96
C15 OLA R . -0.48 22.85 0.93
C1 OLA S . 18.68 22.43 8.09
O1 OLA S . 18.72 22.90 9.25
O2 OLA S . 18.93 23.14 7.10
C2 OLA S . 18.34 20.96 7.90
C3 OLA S . 17.92 20.62 6.46
C4 OLA S . 17.23 19.26 6.45
C5 OLA S . 16.74 18.82 5.08
C6 OLA S . 16.95 17.32 4.87
C7 OLA S . 15.78 16.50 5.40
C8 OLA S . 15.59 15.22 4.59
C12 OLA T . 0.16 6.67 -3.77
C13 OLA T . 1.13 7.09 -2.67
C14 OLA T . 0.78 8.45 -2.06
C15 OLA T . 1.70 9.52 -2.59
C16 OLA T . 1.60 10.83 -1.80
C17 OLA T . 2.81 11.72 -2.08
C18 OLA T . 3.05 12.73 -0.97
C11 OLA U . -6.34 9.00 -2.88
C12 OLA U . -5.94 10.44 -2.54
C13 OLA U . -4.45 10.69 -2.73
C14 OLA U . -4.10 12.16 -2.45
C15 OLA U . -2.59 12.36 -2.27
C10 OLC V . 3.66 -3.84 19.57
C9 OLC V . 3.53 -4.23 18.30
C8 OLC V . 3.06 -5.63 17.97
C24 OLC V . 2.42 -15.66 9.99
C7 OLC V . 2.40 -5.69 16.59
C6 OLC V . 2.17 -7.13 16.12
C5 OLC V . 1.88 -7.20 14.63
C4 OLC V . 1.16 -8.50 14.27
C3 OLC V . 1.29 -8.87 12.79
C2 OLC V . 2.01 -10.20 12.67
C21 OLC V . 1.68 -13.28 10.29
C1 OLC V . 1.66 -11.00 11.43
C22 OLC V . 2.86 -14.21 9.99
O19 OLC V . 1.05 -10.49 10.50
O25 OLC V . 3.43 -16.47 9.32
O23 OLC V . 3.42 -13.88 8.72
O20 OLC V . 2.06 -12.40 11.35
#